data_6GEW
#
_entry.id   6GEW
#
_cell.length_a   89.784
_cell.length_b   89.784
_cell.length_c   156.902
_cell.angle_alpha   90.00
_cell.angle_beta   90.00
_cell.angle_gamma   120.00
#
_symmetry.space_group_name_H-M   'P 32 2 1'
#
loop_
_entity.id
_entity.type
_entity.pdbx_description
1 polymer OphA
2 non-polymer S-ADENOSYL-L-HOMOCYSTEINE
3 non-polymer SINEFUNGIN
4 water water
#
_entity_poly.entity_id   1
_entity_poly.type   'polypeptide(L)'
_entity_poly.pdbx_seq_one_letter_code
;GTSTQTKAGSLTIVGTGIESIGQMTLQALSYIEAAAKVFYCVIDPATEAFILTKNKNCVDLFQYYDNGKSRLNTYTQMSE
LMVREVRKGLDVVGVFYGHPGVFVNPSHRALAIAKSEGYRARMLPGVSAEDCLFADLCIDPSNPGCLTYEASDFLIRDRP
VSIHSHLVLFQVGCVGIADFNFTGFDNNKFGVLVDRLEQEYGAEHPVVHYIAAMMPHQDPVTDKYTVAQLREPEIAKRVG
GVSTFYIPPKARKASNLDIIRRLELLPAGQVPDKKARIYPANQWEPDVPEVEPYRPSDQAAIAQLADHAPPEQYQPLATS
KAMSDVMTKLALDPKALADYKADHRAFAQSVPDLTPQERAALELGDSWAIRCAMKNMPSSLLDAARESGEEASQNGFPW
(MVA)IVVGVIGVIG
;
_entity_poly.pdbx_strand_id   A
#
loop_
_chem_comp.id
_chem_comp.type
_chem_comp.name
_chem_comp.formula
SAH non-polymer S-ADENOSYL-L-HOMOCYSTEINE 'C14 H20 N6 O5 S'
SFG non-polymer SINEFUNGIN 'C15 H23 N7 O5'
#
# COMPACT_ATOMS: atom_id res chain seq x y z
N THR A 6 19.10 6.74 24.78
CA THR A 6 17.85 7.02 24.00
C THR A 6 17.28 8.39 24.41
N LYS A 7 16.72 9.11 23.45
CA LYS A 7 16.00 10.35 23.71
C LYS A 7 14.50 10.02 23.81
N ALA A 8 13.83 10.62 24.79
CA ALA A 8 12.39 10.41 25.00
C ALA A 8 11.59 11.07 23.86
N GLY A 9 10.43 10.51 23.59
CA GLY A 9 9.60 10.91 22.47
C GLY A 9 9.83 10.01 21.26
N SER A 10 8.80 9.90 20.44
CA SER A 10 8.86 9.11 19.22
C SER A 10 7.79 9.58 18.24
N LEU A 11 8.00 9.26 16.96
CA LEU A 11 7.01 9.53 15.92
C LEU A 11 6.75 8.22 15.16
N THR A 12 5.49 7.80 15.13
CA THR A 12 5.07 6.71 14.25
C THR A 12 4.00 7.22 13.27
N ILE A 13 4.20 7.06 11.98
CA ILE A 13 3.18 7.47 11.00
C ILE A 13 2.52 6.22 10.43
N VAL A 14 1.20 6.19 10.51
CA VAL A 14 0.40 5.07 10.06
C VAL A 14 -0.65 5.56 9.05
N GLY A 15 -1.28 4.60 8.40
CA GLY A 15 -2.25 4.83 7.35
C GLY A 15 -3.61 4.31 7.78
N THR A 16 -4.64 4.68 7.03
CA THR A 16 -6.01 4.23 7.30
C THR A 16 -6.53 3.43 6.11
N GLY A 17 -5.76 3.35 5.04
CA GLY A 17 -6.27 2.82 3.79
C GLY A 17 -7.20 3.79 3.11
N ILE A 18 -7.83 3.35 2.02
CA ILE A 18 -8.64 4.24 1.20
C ILE A 18 -10.11 4.11 1.58
N GLU A 19 -10.61 2.90 1.76
CA GLU A 19 -12.02 2.71 2.03
C GLU A 19 -12.25 2.79 3.53
N SER A 20 -13.37 3.43 3.89
CA SER A 20 -13.59 3.97 5.22
C SER A 20 -13.46 2.88 6.29
N ILE A 21 -12.46 3.02 7.17
CA ILE A 21 -12.32 2.21 8.40
C ILE A 21 -11.79 0.80 8.04
N GLY A 22 -12.52 0.09 7.20
CA GLY A 22 -12.20 -1.28 6.85
C GLY A 22 -10.78 -1.47 6.37
N GLN A 23 -10.20 -0.49 5.68
CA GLN A 23 -8.89 -0.67 5.07
C GLN A 23 -7.77 -0.19 6.00
N MET A 24 -8.09 0.03 7.27
CA MET A 24 -7.07 0.28 8.28
C MET A 24 -6.47 -1.07 8.72
N THR A 25 -5.15 -1.14 8.91
CA THR A 25 -4.51 -2.36 9.37
C THR A 25 -4.61 -2.45 10.89
N LEU A 26 -4.48 -3.66 11.41
CA LEU A 26 -4.58 -3.91 12.85
C LEU A 26 -3.48 -3.16 13.61
N GLN A 27 -2.27 -3.06 13.04
CA GLN A 27 -1.15 -2.39 13.75
C GLN A 27 -1.34 -0.87 13.69
N ALA A 28 -1.93 -0.36 12.62
CA ALA A 28 -2.28 1.08 12.58
C ALA A 28 -3.19 1.40 13.76
N LEU A 29 -4.29 0.67 13.86
CA LEU A 29 -5.30 0.89 14.90
C LEU A 29 -4.68 0.84 16.29
N SER A 30 -3.81 -0.13 16.54
CA SER A 30 -3.27 -0.35 17.88
C SER A 30 -2.31 0.78 18.28
N TYR A 31 -1.58 1.31 17.31
CA TYR A 31 -0.61 2.38 17.59
C TYR A 31 -1.37 3.69 17.87
N ILE A 32 -2.45 3.90 17.12
CA ILE A 32 -3.37 4.97 17.37
C ILE A 32 -3.89 4.87 18.81
N GLU A 33 -4.30 3.68 19.23
CA GLU A 33 -4.83 3.51 20.59
C GLU A 33 -3.74 3.85 21.61
N ALA A 34 -2.49 3.49 21.33
CA ALA A 34 -1.41 3.58 22.34
C ALA A 34 -0.77 4.97 22.38
N ALA A 35 -1.05 5.84 21.41
CA ALA A 35 -0.29 7.07 21.25
C ALA A 35 -0.68 8.10 22.33
N ALA A 36 0.26 8.98 22.65
CA ALA A 36 0.01 10.08 23.59
C ALA A 36 -0.76 11.19 22.88
N LYS A 37 -0.30 11.52 21.66
CA LYS A 37 -0.93 12.53 20.81
C LYS A 37 -1.11 11.97 19.39
N VAL A 38 -2.29 12.21 18.81
CA VAL A 38 -2.58 11.77 17.46
C VAL A 38 -2.86 12.99 16.57
N PHE A 39 -2.22 13.03 15.41
CA PHE A 39 -2.50 14.01 14.37
C PHE A 39 -2.96 13.26 13.12
N TYR A 40 -4.13 13.60 12.59
CA TYR A 40 -4.71 12.85 11.48
C TYR A 40 -5.11 13.76 10.32
N CYS A 41 -5.04 13.18 9.14
CA CYS A 41 -5.45 13.78 7.89
C CYS A 41 -6.15 12.73 7.01
N VAL A 42 -7.46 12.63 7.16
CA VAL A 42 -8.29 11.64 6.47
C VAL A 42 -9.34 12.36 5.63
N ILE A 43 -9.95 11.67 4.67
CA ILE A 43 -10.96 12.31 3.83
C ILE A 43 -12.35 12.15 4.44
N ASP A 44 -12.75 10.94 4.73
CA ASP A 44 -14.14 10.72 5.06
C ASP A 44 -14.33 10.80 6.58
N PRO A 45 -15.53 11.22 7.01
CA PRO A 45 -15.82 11.50 8.42
C PRO A 45 -16.08 10.28 9.32
N ALA A 46 -16.56 9.16 8.76
CA ALA A 46 -16.65 7.90 9.52
C ALA A 46 -15.25 7.49 10.02
N THR A 47 -14.28 7.55 9.12
CA THR A 47 -12.90 7.25 9.49
C THR A 47 -12.43 8.20 10.59
N GLU A 48 -12.71 9.49 10.43
CA GLU A 48 -12.35 10.50 11.43
C GLU A 48 -13.01 10.17 12.78
N ALA A 49 -14.32 9.93 12.75
CA ALA A 49 -15.04 9.70 14.00
C ALA A 49 -14.51 8.41 14.65
N PHE A 50 -14.30 7.38 13.82
CA PHE A 50 -13.70 6.14 14.30
C PHE A 50 -12.38 6.44 15.03
N ILE A 51 -11.49 7.21 14.40
CA ILE A 51 -10.20 7.55 15.02
C ILE A 51 -10.41 8.24 16.37
N LEU A 52 -11.40 9.15 16.45
CA LEU A 52 -11.58 9.97 17.66
C LEU A 52 -12.05 9.09 18.83
N THR A 53 -12.70 7.98 18.53
CA THR A 53 -13.12 7.02 19.58
C THR A 53 -11.92 6.22 20.10
N LYS A 54 -10.80 6.23 19.40
CA LYS A 54 -9.68 5.31 19.72
C LYS A 54 -8.59 6.02 20.52
N ASN A 55 -8.58 7.35 20.47
CA ASN A 55 -7.64 8.14 21.25
C ASN A 55 -8.32 9.48 21.60
N LYS A 56 -7.98 10.01 22.77
CA LYS A 56 -8.64 11.21 23.25
C LYS A 56 -7.93 12.45 22.72
N ASN A 57 -6.61 12.40 22.52
CA ASN A 57 -5.85 13.61 22.19
C ASN A 57 -5.53 13.67 20.70
N CYS A 58 -6.55 13.90 19.87
CA CYS A 58 -6.36 13.95 18.39
C CYS A 58 -6.50 15.38 17.87
N VAL A 59 -5.76 15.70 16.80
CA VAL A 59 -5.82 16.99 16.12
C VAL A 59 -6.00 16.73 14.62
N ASP A 60 -7.06 17.30 14.04
CA ASP A 60 -7.29 17.26 12.61
C ASP A 60 -6.31 18.19 11.88
N LEU A 61 -5.46 17.60 11.05
CA LEU A 61 -4.46 18.34 10.30
C LEU A 61 -5.08 19.00 9.06
N PHE A 62 -6.30 18.59 8.72
CA PHE A 62 -6.94 19.08 7.50
C PHE A 62 -7.23 20.59 7.61
N GLN A 63 -7.29 21.13 8.83
CA GLN A 63 -7.62 22.55 9.02
C GLN A 63 -6.45 23.45 8.62
N TYR A 64 -5.28 22.91 8.24
CA TYR A 64 -4.12 23.72 7.89
C TYR A 64 -4.00 23.85 6.37
N TYR A 65 -5.03 23.34 5.68
CA TYR A 65 -5.29 23.70 4.29
C TYR A 65 -6.09 25.00 4.26
N ASP A 66 -6.04 25.69 3.11
CA ASP A 66 -6.88 26.85 2.88
C ASP A 66 -6.94 27.25 1.41
N ASN A 67 -8.02 27.97 1.07
CA ASN A 67 -8.19 28.54 -0.26
C ASN A 67 -6.97 29.39 -0.59
N GLY A 68 -6.38 29.18 -1.77
CA GLY A 68 -5.28 29.99 -2.25
C GLY A 68 -3.96 29.69 -1.55
N LYS A 69 -3.97 28.81 -0.54
CA LYS A 69 -2.78 28.60 0.31
C LYS A 69 -1.92 27.48 -0.28
N SER A 70 -0.63 27.75 -0.35
CA SER A 70 0.35 26.82 -0.87
C SER A 70 0.38 25.53 -0.04
N ARG A 71 0.22 24.39 -0.71
CA ARG A 71 0.18 23.10 0.00
C ARG A 71 1.51 22.87 0.76
N LEU A 72 2.60 23.40 0.20
CA LEU A 72 3.90 23.28 0.87
C LEU A 72 3.87 23.91 2.27
N ASN A 73 3.12 25.01 2.43
CA ASN A 73 3.03 25.67 3.74
C ASN A 73 2.20 24.80 4.71
N THR A 74 1.05 24.37 4.21
CA THR A 74 0.26 23.33 4.89
C THR A 74 1.16 22.15 5.30
N TYR A 75 2.01 21.64 4.41
CA TYR A 75 2.78 20.41 4.77
C TYR A 75 3.82 20.72 5.84
N THR A 76 4.48 21.88 5.72
CA THR A 76 5.44 22.29 6.75
C THR A 76 4.73 22.35 8.11
N GLN A 77 3.49 22.87 8.09
CA GLN A 77 2.76 23.10 9.32
C GLN A 77 2.36 21.77 9.95
N MET A 78 1.79 20.87 9.13
CA MET A 78 1.41 19.52 9.58
C MET A 78 2.61 18.85 10.26
N SER A 79 3.76 18.91 9.59
CA SER A 79 4.90 18.15 10.03
C SER A 79 5.49 18.79 11.28
N GLU A 80 5.49 20.14 11.36
CA GLU A 80 6.03 20.84 12.50
C GLU A 80 5.18 20.52 13.75
N LEU A 81 3.84 20.58 13.54
CA LEU A 81 2.93 20.27 14.65
C LEU A 81 3.28 18.91 15.26
N MET A 82 3.62 17.92 14.42
CA MET A 82 3.92 16.59 14.94
C MET A 82 5.28 16.62 15.65
N VAL A 83 6.31 17.14 14.99
CA VAL A 83 7.67 17.07 15.57
C VAL A 83 7.72 17.85 16.89
N ARG A 84 6.92 18.93 17.02
CA ARG A 84 6.89 19.72 18.25
C ARG A 84 6.52 18.83 19.45
N GLU A 85 5.54 17.96 19.29
CA GLU A 85 5.07 17.14 20.41
C GLU A 85 6.10 16.03 20.72
N VAL A 86 6.97 15.67 19.77
CA VAL A 86 7.98 14.62 20.07
C VAL A 86 9.20 15.26 20.72
N ARG A 87 9.45 16.55 20.45
CA ARG A 87 10.50 17.30 21.16
C ARG A 87 10.12 17.46 22.63
N LYS A 88 8.82 17.42 22.93
CA LYS A 88 8.32 17.53 24.29
C LYS A 88 8.43 16.17 25.00
N GLY A 89 8.79 15.12 24.27
CA GLY A 89 9.08 13.82 24.87
C GLY A 89 7.93 12.83 24.73
N LEU A 90 6.85 13.21 24.04
CA LEU A 90 5.69 12.31 23.92
C LEU A 90 5.86 11.36 22.73
N ASP A 91 5.13 10.24 22.79
CA ASP A 91 5.01 9.30 21.67
C ASP A 91 3.80 9.68 20.84
N VAL A 92 4.07 10.24 19.65
CA VAL A 92 3.00 10.83 18.86
C VAL A 92 2.82 10.00 17.58
N VAL A 93 1.57 9.82 17.19
CA VAL A 93 1.24 9.09 15.99
C VAL A 93 0.60 10.04 14.98
N GLY A 94 1.19 10.08 13.78
CA GLY A 94 0.56 10.72 12.62
C GLY A 94 -0.25 9.72 11.81
N VAL A 95 -1.38 10.15 11.27
CA VAL A 95 -2.30 9.31 10.53
C VAL A 95 -2.64 9.99 9.21
N PHE A 96 -2.43 9.31 8.08
CA PHE A 96 -2.77 9.82 6.77
C PHE A 96 -3.55 8.75 6.01
N TYR A 97 -4.55 9.17 5.23
CA TYR A 97 -5.38 8.17 4.55
C TYR A 97 -4.52 7.38 3.56
N GLY A 98 -5.02 6.22 3.17
CA GLY A 98 -4.28 5.34 2.29
C GLY A 98 -2.99 4.84 2.93
N HIS A 99 -1.91 4.92 2.16
CA HIS A 99 -0.56 4.63 2.64
C HIS A 99 0.10 5.98 2.96
N PRO A 100 0.59 6.15 4.21
CA PRO A 100 0.99 7.48 4.69
C PRO A 100 2.25 8.03 4.01
N GLY A 101 2.89 7.25 3.11
CA GLY A 101 4.15 7.64 2.45
C GLY A 101 4.04 7.62 0.91
N VAL A 102 2.79 7.42 0.43
CA VAL A 102 2.54 7.36 -1.02
C VAL A 102 1.86 8.69 -1.43
N PHE A 103 2.63 9.54 -2.10
CA PHE A 103 2.23 10.91 -2.45
C PHE A 103 1.82 11.66 -1.17
N VAL A 104 2.77 11.71 -0.22
CA VAL A 104 2.58 12.45 1.01
C VAL A 104 3.92 13.10 1.41
N ASN A 105 3.98 14.43 1.37
CA ASN A 105 5.16 15.20 1.80
C ASN A 105 5.31 15.19 3.33
N PRO A 106 4.24 15.55 4.08
CA PRO A 106 4.45 15.85 5.50
C PRO A 106 4.96 14.66 6.35
N SER A 107 4.56 13.44 6.04
CA SER A 107 5.02 12.23 6.75
C SER A 107 6.54 12.09 6.63
N HIS A 108 7.00 12.00 5.37
CA HIS A 108 8.44 11.84 5.12
C HIS A 108 9.20 13.01 5.77
N ARG A 109 8.68 14.22 5.59
CA ARG A 109 9.30 15.41 6.18
C ARG A 109 9.38 15.26 7.72
N ALA A 110 8.27 14.90 8.36
CA ALA A 110 8.22 14.84 9.81
C ALA A 110 9.15 13.74 10.36
N LEU A 111 9.22 12.59 9.70
CA LEU A 111 10.07 11.49 10.18
C LEU A 111 11.55 11.88 10.01
N ALA A 112 11.89 12.51 8.88
CA ALA A 112 13.30 12.82 8.58
C ALA A 112 13.82 13.86 9.59
N ILE A 113 12.99 14.86 9.91
CA ILE A 113 13.32 15.83 10.94
C ILE A 113 13.52 15.11 12.28
N ALA A 114 12.59 14.22 12.63
CA ALA A 114 12.63 13.57 13.94
C ALA A 114 13.90 12.71 14.08
N LYS A 115 14.30 12.02 13.01
CA LYS A 115 15.49 11.14 13.11
C LYS A 115 16.76 12.00 13.16
N SER A 116 16.83 13.09 12.40
CA SER A 116 18.01 13.97 12.44
C SER A 116 18.25 14.53 13.85
N GLU A 117 17.19 14.65 14.64
CA GLU A 117 17.30 15.15 16.01
C GLU A 117 17.41 13.99 17.01
N GLY A 118 17.42 12.76 16.49
CA GLY A 118 17.73 11.59 17.30
C GLY A 118 16.53 11.08 18.09
N TYR A 119 15.35 11.13 17.47
CA TYR A 119 14.15 10.51 18.04
C TYR A 119 13.82 9.26 17.22
N ARG A 120 13.25 8.25 17.87
CA ARG A 120 12.79 7.06 17.15
C ARG A 120 11.63 7.47 16.24
N ALA A 121 11.74 7.08 14.97
CA ALA A 121 10.81 7.46 13.92
C ALA A 121 10.55 6.26 13.01
N ARG A 122 9.27 5.90 12.82
CA ARG A 122 8.91 4.80 11.93
C ARG A 122 7.64 5.14 11.16
N MET A 123 7.60 4.72 9.89
CA MET A 123 6.39 4.67 9.09
C MET A 123 5.88 3.23 9.00
N LEU A 124 4.59 3.02 9.26
CA LEU A 124 3.93 1.75 9.00
C LEU A 124 3.14 1.85 7.70
N PRO A 125 3.33 0.89 6.79
CA PRO A 125 2.71 0.97 5.48
C PRO A 125 1.19 0.76 5.56
N GLY A 126 0.48 1.17 4.52
CA GLY A 126 -0.94 0.98 4.43
C GLY A 126 -1.40 0.77 2.99
N VAL A 127 -2.70 0.63 2.82
CA VAL A 127 -3.27 0.31 1.52
C VAL A 127 -3.40 1.58 0.69
N SER A 128 -2.64 1.65 -0.40
CA SER A 128 -2.59 2.83 -1.20
C SER A 128 -3.76 2.82 -2.18
N ALA A 129 -3.96 3.95 -2.88
CA ALA A 129 -4.97 4.02 -3.93
C ALA A 129 -4.50 3.18 -5.14
N GLU A 130 -3.19 3.02 -5.31
CA GLU A 130 -2.66 2.17 -6.36
C GLU A 130 -3.00 0.72 -6.03
N ASP A 131 -2.85 0.33 -4.76
CA ASP A 131 -3.26 -0.99 -4.27
C ASP A 131 -4.71 -1.25 -4.60
N CYS A 132 -5.58 -0.28 -4.30
CA CYS A 132 -7.02 -0.40 -4.59
C CYS A 132 -7.25 -0.56 -6.11
N LEU A 133 -6.45 0.16 -6.91
CA LEU A 133 -6.54 0.16 -8.38
C LEU A 133 -6.32 -1.25 -8.92
N PHE A 134 -5.22 -1.89 -8.50
CA PHE A 134 -4.90 -3.26 -8.92
C PHE A 134 -6.11 -4.16 -8.64
N ALA A 135 -6.60 -4.11 -7.39
CA ALA A 135 -7.73 -4.92 -6.95
C ALA A 135 -8.98 -4.65 -7.78
N ASP A 136 -9.36 -3.37 -7.96
CA ASP A 136 -10.65 -3.05 -8.60
C ASP A 136 -10.64 -3.23 -10.11
N LEU A 137 -9.50 -2.89 -10.74
CA LEU A 137 -9.32 -3.02 -12.20
C LEU A 137 -8.84 -4.44 -12.58
N CYS A 138 -8.61 -5.33 -11.61
CA CYS A 138 -8.14 -6.70 -11.89
C CYS A 138 -6.89 -6.67 -12.77
N ILE A 139 -5.84 -6.02 -12.28
CA ILE A 139 -4.52 -6.10 -12.92
C ILE A 139 -3.46 -6.40 -11.85
N ASP A 140 -2.30 -6.85 -12.32
CA ASP A 140 -1.17 -7.22 -11.48
C ASP A 140 0.02 -6.43 -11.99
N PRO A 141 0.72 -5.71 -11.10
CA PRO A 141 1.86 -4.92 -11.54
C PRO A 141 2.94 -5.74 -12.27
N SER A 142 3.14 -6.98 -11.83
CA SER A 142 4.17 -7.89 -12.44
C SER A 142 3.99 -8.03 -13.96
N ASN A 143 2.71 -8.10 -14.38
CA ASN A 143 2.30 -8.40 -15.76
C ASN A 143 1.56 -7.20 -16.38
N PRO A 144 2.24 -6.33 -17.14
CA PRO A 144 3.60 -6.51 -17.65
C PRO A 144 4.55 -5.40 -17.16
N GLY A 145 4.52 -5.14 -15.87
CA GLY A 145 5.32 -4.08 -15.27
C GLY A 145 4.47 -2.85 -15.02
N CYS A 146 4.88 -2.04 -14.06
CA CYS A 146 4.06 -0.88 -13.68
C CYS A 146 4.92 0.37 -13.49
N LEU A 147 4.56 1.41 -14.22
CA LEU A 147 5.18 2.72 -14.06
C LEU A 147 4.18 3.65 -13.38
N THR A 148 4.65 4.38 -12.37
CA THR A 148 3.76 5.21 -11.54
C THR A 148 4.35 6.60 -11.36
N TYR A 149 3.59 7.63 -11.74
CA TYR A 149 4.07 9.03 -11.71
C TYR A 149 3.01 9.97 -11.11
N GLU A 150 3.48 11.04 -10.49
CA GLU A 150 2.65 12.22 -10.23
C GLU A 150 2.43 12.96 -11.55
N ALA A 151 1.17 13.22 -11.90
CA ALA A 151 0.81 13.71 -13.25
C ALA A 151 1.58 14.99 -13.60
N SER A 152 1.75 15.91 -12.66
CA SER A 152 2.45 17.18 -12.95
C SER A 152 3.96 16.92 -13.13
N ASP A 153 4.54 16.11 -12.25
CA ASP A 153 5.96 15.71 -12.36
C ASP A 153 6.24 14.99 -13.68
N PHE A 154 5.30 14.17 -14.10
CA PHE A 154 5.36 13.42 -15.36
C PHE A 154 5.54 14.40 -16.53
N LEU A 155 4.88 15.54 -16.45
CA LEU A 155 4.93 16.54 -17.51
C LEU A 155 6.18 17.42 -17.35
N ILE A 156 6.42 17.93 -16.14
CA ILE A 156 7.47 18.94 -15.93
C ILE A 156 8.84 18.36 -16.27
N ARG A 157 9.14 17.14 -15.80
CA ARG A 157 10.41 16.51 -16.13
C ARG A 157 10.25 15.60 -17.36
N ASP A 158 9.14 15.73 -18.09
CA ASP A 158 8.93 14.98 -19.33
C ASP A 158 9.44 13.55 -19.14
N ARG A 159 8.87 12.87 -18.15
CA ARG A 159 9.32 11.53 -17.75
C ARG A 159 8.96 10.54 -18.87
N PRO A 160 9.85 9.58 -19.14
CA PRO A 160 9.61 8.63 -20.22
C PRO A 160 8.47 7.66 -19.86
N VAL A 161 7.73 7.24 -20.88
CA VAL A 161 6.65 6.27 -20.70
C VAL A 161 7.06 4.95 -21.36
N SER A 162 6.62 3.82 -20.79
CA SER A 162 6.76 2.51 -21.42
C SER A 162 5.39 2.05 -21.93
N ILE A 163 5.29 1.98 -23.25
CA ILE A 163 4.05 1.62 -23.96
C ILE A 163 3.67 0.16 -23.67
N HIS A 164 4.63 -0.68 -23.28
CA HIS A 164 4.37 -2.13 -23.10
C HIS A 164 4.16 -2.48 -21.61
N SER A 165 3.95 -1.48 -20.76
CA SER A 165 3.75 -1.73 -19.33
C SER A 165 2.53 -0.93 -18.83
N HIS A 166 2.16 -1.15 -17.57
CA HIS A 166 1.10 -0.36 -16.92
C HIS A 166 1.59 1.07 -16.69
N LEU A 167 0.70 2.04 -16.84
CA LEU A 167 0.97 3.42 -16.40
C LEU A 167 -0.13 3.89 -15.45
N VAL A 168 0.28 4.29 -14.25
CA VAL A 168 -0.63 4.83 -13.25
C VAL A 168 -0.27 6.30 -13.02
N LEU A 169 -1.27 7.18 -13.05
CA LEU A 169 -1.05 8.63 -12.88
C LEU A 169 -1.93 9.16 -11.74
N PHE A 170 -1.25 9.64 -10.69
CA PHE A 170 -1.84 10.26 -9.52
C PHE A 170 -2.00 11.77 -9.74
N GLN A 171 -3.01 12.37 -9.11
CA GLN A 171 -3.20 13.85 -9.07
C GLN A 171 -3.36 14.40 -10.49
N VAL A 172 -4.24 13.72 -11.23
CA VAL A 172 -4.62 14.14 -12.57
C VAL A 172 -5.60 15.31 -12.46
N GLY A 173 -6.20 15.49 -11.28
CA GLY A 173 -7.20 16.53 -11.06
C GLY A 173 -6.61 17.86 -10.62
N CYS A 174 -5.28 18.01 -10.60
CA CYS A 174 -4.68 19.29 -10.17
C CYS A 174 -3.33 19.54 -10.88
N VAL A 175 -3.40 19.41 -12.22
CA VAL A 175 -2.22 19.59 -13.07
C VAL A 175 -1.71 21.03 -12.90
N GLY A 176 -0.51 21.14 -12.35
CA GLY A 176 0.20 22.43 -12.24
C GLY A 176 -0.24 23.27 -11.04
N ILE A 177 -1.25 22.83 -10.30
CA ILE A 177 -1.82 23.60 -9.18
C ILE A 177 -1.04 23.30 -7.90
N ALA A 178 -0.34 24.32 -7.38
CA ALA A 178 0.48 24.19 -6.17
C ALA A 178 -0.33 24.53 -4.91
N ASP A 179 -1.59 24.92 -5.06
CA ASP A 179 -2.36 25.38 -3.92
C ASP A 179 -3.65 24.57 -3.74
N PHE A 180 -4.56 25.09 -2.95
CA PHE A 180 -5.69 24.34 -2.46
C PHE A 180 -6.96 25.18 -2.61
N ASN A 181 -8.11 24.50 -2.68
CA ASN A 181 -9.39 25.17 -2.63
C ASN A 181 -10.45 24.19 -2.11
N PHE A 182 -11.24 24.62 -1.11
CA PHE A 182 -12.21 23.72 -0.46
C PHE A 182 -13.34 23.33 -1.44
N THR A 183 -13.58 24.11 -2.48
CA THR A 183 -14.63 23.78 -3.45
C THR A 183 -14.02 23.04 -4.66
N GLY A 184 -12.78 22.59 -4.54
CA GLY A 184 -12.15 21.83 -5.61
C GLY A 184 -11.32 22.72 -6.53
N PHE A 185 -10.49 22.09 -7.35
CA PHE A 185 -9.56 22.80 -8.22
C PHE A 185 -10.24 23.14 -9.55
N ASP A 186 -9.77 24.20 -10.19
CA ASP A 186 -10.09 24.47 -11.57
C ASP A 186 -8.95 23.90 -12.41
N ASN A 187 -9.13 22.66 -12.84
CA ASN A 187 -8.08 21.87 -13.48
C ASN A 187 -8.00 22.26 -14.97
N ASN A 188 -7.66 23.51 -15.21
CA ASN A 188 -7.78 24.14 -16.52
C ASN A 188 -6.55 23.80 -17.39
N LYS A 189 -5.51 23.22 -16.79
CA LYS A 189 -4.32 22.83 -17.57
C LYS A 189 -4.33 21.32 -17.81
N PHE A 190 -5.50 20.70 -17.66
CA PHE A 190 -5.70 19.27 -17.88
C PHE A 190 -5.42 18.88 -19.33
N GLY A 191 -5.75 19.81 -20.25
CA GLY A 191 -5.53 19.61 -21.67
C GLY A 191 -4.06 19.42 -22.00
N VAL A 192 -3.16 19.94 -21.16
CA VAL A 192 -1.72 19.74 -21.37
C VAL A 192 -1.39 18.26 -21.19
N LEU A 193 -1.96 17.64 -20.15
CA LEU A 193 -1.78 16.21 -19.91
C LEU A 193 -2.40 15.43 -21.07
N VAL A 194 -3.62 15.80 -21.48
CA VAL A 194 -4.32 15.06 -22.52
C VAL A 194 -3.50 15.14 -23.82
N ASP A 195 -2.79 16.24 -24.04
CA ASP A 195 -1.87 16.35 -25.18
C ASP A 195 -0.70 15.35 -25.09
N ARG A 196 -0.12 15.24 -23.90
CA ARG A 196 1.05 14.38 -23.68
C ARG A 196 0.67 12.92 -23.94
N LEU A 197 -0.47 12.49 -23.39
CA LEU A 197 -0.94 11.12 -23.53
C LEU A 197 -1.27 10.82 -25.00
N GLU A 198 -1.83 11.82 -25.69
CA GLU A 198 -2.15 11.69 -27.11
C GLU A 198 -0.86 11.51 -27.92
N GLN A 199 0.21 12.19 -27.50
CA GLN A 199 1.50 12.10 -28.17
C GLN A 199 2.03 10.66 -28.07
N GLU A 200 1.98 10.09 -26.86
CA GLU A 200 2.68 8.86 -26.52
C GLU A 200 1.82 7.63 -26.86
N TYR A 201 0.50 7.76 -26.77
CA TYR A 201 -0.39 6.61 -26.91
C TYR A 201 -1.33 6.74 -28.11
N GLY A 202 -1.52 7.94 -28.66
CA GLY A 202 -2.47 8.14 -29.75
C GLY A 202 -3.87 8.44 -29.22
N ALA A 203 -4.71 8.98 -30.10
CA ALA A 203 -5.96 9.62 -29.70
C ALA A 203 -7.04 8.58 -29.34
N GLU A 204 -6.88 7.33 -29.77
CA GLU A 204 -7.89 6.29 -29.52
C GLU A 204 -7.37 5.27 -28.49
N HIS A 205 -6.26 5.56 -27.83
CA HIS A 205 -5.78 4.68 -26.77
C HIS A 205 -6.70 4.81 -25.54
N PRO A 206 -6.99 3.68 -24.86
CA PRO A 206 -7.90 3.75 -23.71
C PRO A 206 -7.23 4.37 -22.48
N VAL A 207 -8.04 5.11 -21.71
CA VAL A 207 -7.65 5.69 -20.43
C VAL A 207 -8.77 5.36 -19.44
N VAL A 208 -8.42 4.78 -18.30
CA VAL A 208 -9.43 4.42 -17.31
C VAL A 208 -9.44 5.48 -16.21
N HIS A 209 -10.57 6.14 -16.03
CA HIS A 209 -10.74 7.05 -14.90
C HIS A 209 -11.09 6.20 -13.68
N TYR A 210 -10.21 6.22 -12.68
CA TYR A 210 -10.39 5.33 -11.55
C TYR A 210 -10.60 6.15 -10.28
N ILE A 211 -11.71 5.89 -9.59
CA ILE A 211 -11.90 6.42 -8.24
C ILE A 211 -12.38 5.27 -7.35
N ALA A 212 -11.57 4.91 -6.36
CA ALA A 212 -11.92 3.82 -5.45
C ALA A 212 -13.07 4.28 -4.55
N ALA A 213 -14.03 3.39 -4.34
CA ALA A 213 -15.05 3.61 -3.34
C ALA A 213 -14.38 4.03 -2.04
N MET A 214 -14.88 5.07 -1.38
CA MET A 214 -14.33 5.47 -0.10
C MET A 214 -15.25 5.01 1.03
N MET A 215 -16.45 4.62 0.68
CA MET A 215 -17.37 4.12 1.67
C MET A 215 -17.75 2.68 1.32
N PRO A 216 -17.98 1.85 2.35
CA PRO A 216 -18.15 0.40 2.16
C PRO A 216 -19.25 0.03 1.15
N HIS A 217 -20.29 0.83 1.02
CA HIS A 217 -21.46 0.49 0.20
C HIS A 217 -21.31 1.01 -1.23
N GLN A 218 -20.28 1.78 -1.53
CA GLN A 218 -20.19 2.44 -2.83
C GLN A 218 -19.40 1.57 -3.82
N ASP A 219 -19.68 1.76 -5.09
CA ASP A 219 -18.93 1.08 -6.13
C ASP A 219 -17.83 2.00 -6.60
N PRO A 220 -16.69 1.43 -6.99
CA PRO A 220 -15.63 2.27 -7.54
C PRO A 220 -16.05 2.86 -8.89
N VAL A 221 -15.40 3.93 -9.31
CA VAL A 221 -15.55 4.40 -10.68
C VAL A 221 -14.43 3.78 -11.51
N THR A 222 -14.81 3.09 -12.58
CA THR A 222 -13.86 2.36 -13.42
C THR A 222 -14.18 2.65 -14.90
N ASP A 223 -14.36 3.93 -15.21
CA ASP A 223 -14.83 4.36 -16.51
C ASP A 223 -13.70 4.51 -17.52
N LYS A 224 -13.96 4.00 -18.72
CA LYS A 224 -12.97 3.91 -19.78
C LYS A 224 -13.30 4.97 -20.84
N TYR A 225 -12.37 5.89 -21.06
CA TYR A 225 -12.48 6.89 -22.11
C TYR A 225 -11.30 6.74 -23.08
N THR A 226 -11.45 7.30 -24.28
CA THR A 226 -10.31 7.47 -25.17
C THR A 226 -9.53 8.72 -24.74
N VAL A 227 -8.31 8.88 -25.22
CA VAL A 227 -7.49 10.06 -24.88
C VAL A 227 -8.18 11.31 -25.44
N ALA A 228 -8.73 11.18 -26.65
CA ALA A 228 -9.46 12.28 -27.31
C ALA A 228 -10.67 12.69 -26.46
N GLN A 229 -11.32 11.73 -25.81
CA GLN A 229 -12.55 12.00 -25.05
C GLN A 229 -12.23 12.90 -23.86
N LEU A 230 -11.00 12.82 -23.35
CA LEU A 230 -10.61 13.59 -22.16
C LEU A 230 -10.73 15.10 -22.43
N ARG A 231 -10.65 15.53 -23.69
CA ARG A 231 -10.74 16.98 -24.02
C ARG A 231 -12.19 17.48 -24.00
N GLU A 232 -13.16 16.60 -24.24
CA GLU A 232 -14.58 16.94 -24.07
C GLU A 232 -14.80 17.52 -22.66
N PRO A 233 -15.31 18.76 -22.57
CA PRO A 233 -15.50 19.47 -21.29
C PRO A 233 -16.29 18.70 -20.22
N GLU A 234 -17.31 17.95 -20.67
CA GLU A 234 -18.19 17.21 -19.75
C GLU A 234 -17.44 16.01 -19.14
N ILE A 235 -16.44 15.51 -19.85
CA ILE A 235 -15.69 14.31 -19.43
C ILE A 235 -14.58 14.74 -18.45
N ALA A 236 -13.80 15.75 -18.83
CA ALA A 236 -12.72 16.30 -17.99
C ALA A 236 -13.28 16.86 -16.68
N LYS A 237 -14.54 17.28 -16.72
CA LYS A 237 -15.23 17.83 -15.55
C LYS A 237 -15.28 16.79 -14.41
N ARG A 238 -15.36 15.51 -14.77
CA ARG A 238 -15.57 14.43 -13.79
C ARG A 238 -14.27 14.07 -13.06
N VAL A 239 -13.13 14.40 -13.67
CA VAL A 239 -11.81 14.21 -13.06
C VAL A 239 -11.69 15.17 -11.88
N GLY A 240 -11.32 14.68 -10.70
CA GLY A 240 -11.31 15.47 -9.48
C GLY A 240 -10.05 15.25 -8.65
N GLY A 241 -10.16 15.53 -7.36
CA GLY A 241 -9.02 15.49 -6.44
C GLY A 241 -8.63 14.06 -6.06
N VAL A 242 -9.58 13.12 -6.14
CA VAL A 242 -9.33 11.71 -5.82
C VAL A 242 -9.39 10.88 -7.11
N SER A 243 -8.99 11.49 -8.22
CA SER A 243 -8.97 10.80 -9.48
C SER A 243 -7.56 10.26 -9.74
N THR A 244 -7.52 9.04 -10.25
CA THR A 244 -6.30 8.42 -10.72
C THR A 244 -6.57 7.90 -12.13
N PHE A 245 -5.59 8.03 -13.03
CA PHE A 245 -5.70 7.41 -14.35
C PHE A 245 -4.87 6.11 -14.40
N TYR A 246 -5.45 5.08 -15.04
CA TYR A 246 -4.71 3.87 -15.42
C TYR A 246 -4.64 3.79 -16.95
N ILE A 247 -3.42 3.72 -17.48
CA ILE A 247 -3.18 3.68 -18.93
C ILE A 247 -2.60 2.31 -19.30
N PRO A 248 -3.44 1.39 -19.83
CA PRO A 248 -2.95 0.06 -20.14
C PRO A 248 -1.89 0.08 -21.25
N PRO A 249 -1.17 -1.04 -21.42
CA PRO A 249 -0.22 -1.19 -22.51
C PRO A 249 -0.94 -1.18 -23.86
N LYS A 250 -0.24 -0.74 -24.90
CA LYS A 250 -0.80 -0.73 -26.25
C LYS A 250 -0.59 -2.10 -26.90
N ALA A 251 0.54 -2.74 -26.60
CA ALA A 251 0.88 -4.03 -27.19
C ALA A 251 1.75 -4.84 -26.22
N ARG A 252 1.99 -6.09 -26.60
CA ARG A 252 2.91 -6.97 -25.87
C ARG A 252 4.30 -6.86 -26.52
N LYS A 253 5.34 -6.73 -25.70
CA LYS A 253 6.71 -6.70 -26.20
C LYS A 253 7.18 -8.14 -26.44
N ALA A 254 7.87 -8.35 -27.57
CA ALA A 254 8.39 -9.67 -27.95
C ALA A 254 9.52 -10.08 -26.99
N SER A 255 9.72 -11.38 -26.83
CA SER A 255 10.72 -11.90 -25.91
C SER A 255 12.11 -11.85 -26.56
N ASN A 256 13.12 -11.57 -25.73
CA ASN A 256 14.52 -11.47 -26.16
C ASN A 256 15.09 -12.89 -26.25
N LEU A 257 15.73 -13.22 -27.38
CA LEU A 257 16.17 -14.59 -27.66
C LEU A 257 17.58 -14.81 -27.07
N ASP A 258 18.39 -13.76 -27.00
CA ASP A 258 19.68 -13.84 -26.30
C ASP A 258 19.47 -14.23 -24.83
N ILE A 259 18.44 -13.65 -24.22
CA ILE A 259 18.20 -13.79 -22.77
C ILE A 259 17.57 -15.16 -22.48
N ILE A 260 16.58 -15.58 -23.27
CA ILE A 260 15.92 -16.89 -23.03
C ILE A 260 16.97 -18.02 -23.07
N ARG A 261 17.97 -17.88 -23.93
CA ARG A 261 19.02 -18.90 -24.07
C ARG A 261 19.95 -18.84 -22.85
N ARG A 262 20.31 -17.63 -22.41
CA ARG A 262 21.15 -17.48 -21.23
C ARG A 262 20.43 -18.08 -20.01
N LEU A 263 19.10 -18.05 -20.02
CA LEU A 263 18.30 -18.61 -18.91
C LEU A 263 17.86 -20.04 -19.23
N GLU A 264 18.19 -20.55 -20.41
CA GLU A 264 17.88 -21.94 -20.82
C GLU A 264 16.39 -22.23 -20.64
N LEU A 265 15.55 -21.45 -21.33
CA LEU A 265 14.09 -21.58 -21.20
C LEU A 265 13.50 -22.12 -22.51
N ARG A 277 0.42 -16.90 -23.16
CA ARG A 277 -0.12 -15.82 -22.33
C ARG A 277 -0.81 -16.43 -21.12
N ILE A 278 -0.46 -15.97 -19.92
CA ILE A 278 -1.01 -16.51 -18.69
C ILE A 278 -2.44 -15.97 -18.53
N TYR A 279 -3.39 -16.85 -18.22
CA TYR A 279 -4.77 -16.44 -17.97
C TYR A 279 -4.85 -15.75 -16.60
N PRO A 280 -5.63 -14.67 -16.43
CA PRO A 280 -6.47 -14.04 -17.46
C PRO A 280 -5.75 -12.88 -18.18
N ALA A 281 -6.26 -12.48 -19.34
CA ALA A 281 -5.71 -11.34 -20.04
C ALA A 281 -6.18 -10.05 -19.34
N ASN A 282 -5.37 -9.00 -19.47
CA ASN A 282 -5.72 -7.66 -18.97
C ASN A 282 -6.87 -7.10 -19.81
N GLN A 283 -8.06 -7.03 -19.24
CA GLN A 283 -9.26 -6.68 -20.02
C GLN A 283 -9.21 -5.24 -20.54
N TRP A 284 -8.43 -4.35 -19.91
CA TRP A 284 -8.38 -2.93 -20.33
C TRP A 284 -7.46 -2.75 -21.54
N GLU A 285 -6.64 -3.75 -21.84
CA GLU A 285 -5.73 -3.69 -23.00
C GLU A 285 -6.59 -3.78 -24.27
N PRO A 286 -6.35 -2.87 -25.24
CA PRO A 286 -7.30 -2.76 -26.35
C PRO A 286 -7.47 -4.05 -27.16
N ASP A 287 -6.42 -4.53 -27.80
CA ASP A 287 -6.54 -5.68 -28.71
C ASP A 287 -6.08 -6.98 -28.04
N VAL A 288 -6.63 -7.29 -26.88
CA VAL A 288 -6.29 -8.55 -26.18
C VAL A 288 -6.90 -9.73 -26.97
N PRO A 289 -6.12 -10.82 -27.10
CA PRO A 289 -6.74 -12.08 -27.48
C PRO A 289 -7.50 -12.64 -26.27
N GLU A 290 -8.47 -13.51 -26.52
CA GLU A 290 -9.08 -14.27 -25.45
C GLU A 290 -8.08 -15.35 -25.01
N VAL A 291 -7.91 -15.49 -23.70
CA VAL A 291 -7.00 -16.50 -23.15
C VAL A 291 -7.84 -17.62 -22.55
N GLU A 292 -7.38 -18.85 -22.75
CA GLU A 292 -8.08 -20.03 -22.28
C GLU A 292 -7.67 -20.30 -20.83
N PRO A 293 -8.66 -20.52 -19.94
CA PRO A 293 -8.35 -20.95 -18.57
C PRO A 293 -7.89 -22.42 -18.48
N TYR A 294 -8.55 -23.33 -19.22
CA TYR A 294 -8.33 -24.77 -19.02
C TYR A 294 -7.63 -25.36 -20.24
N ARG A 295 -6.35 -25.02 -20.41
CA ARG A 295 -5.48 -25.68 -21.37
C ARG A 295 -5.06 -27.06 -20.81
N PRO A 296 -4.39 -27.89 -21.63
CA PRO A 296 -3.95 -29.22 -21.17
C PRO A 296 -3.20 -29.17 -19.82
N SER A 297 -2.14 -28.35 -19.75
CA SER A 297 -1.40 -28.10 -18.50
C SER A 297 -2.36 -27.91 -17.31
N ASP A 298 -3.40 -27.12 -17.53
CA ASP A 298 -4.37 -26.84 -16.47
C ASP A 298 -5.21 -28.07 -16.16
N GLN A 299 -5.65 -28.74 -17.24
CA GLN A 299 -6.42 -30.01 -17.17
C GLN A 299 -5.64 -31.05 -16.34
N ALA A 300 -4.36 -31.24 -16.71
CA ALA A 300 -3.53 -32.24 -16.07
C ALA A 300 -3.31 -31.88 -14.59
N ALA A 301 -2.99 -30.61 -14.33
CA ALA A 301 -2.73 -30.17 -12.97
C ALA A 301 -3.96 -30.42 -12.09
N ILE A 302 -5.16 -30.21 -12.64
CA ILE A 302 -6.39 -30.34 -11.87
C ILE A 302 -6.69 -31.81 -11.61
N ALA A 303 -6.39 -32.69 -12.57
CA ALA A 303 -6.65 -34.10 -12.38
C ALA A 303 -5.80 -34.65 -11.22
N GLN A 304 -4.65 -34.02 -10.96
CA GLN A 304 -3.75 -34.49 -9.91
C GLN A 304 -4.33 -34.20 -8.52
N LEU A 305 -5.40 -33.40 -8.44
CA LEU A 305 -5.96 -33.03 -7.13
C LEU A 305 -6.59 -34.24 -6.45
N ALA A 306 -7.11 -35.18 -7.25
CA ALA A 306 -7.86 -36.34 -6.74
C ALA A 306 -7.03 -37.14 -5.75
N ASP A 307 -5.76 -37.40 -6.09
CA ASP A 307 -4.92 -38.25 -5.23
C ASP A 307 -3.87 -37.48 -4.50
N HIS A 308 -4.03 -36.15 -4.47
CA HIS A 308 -3.02 -35.29 -3.91
C HIS A 308 -2.91 -35.55 -2.38
N ALA A 309 -1.61 -35.73 -2.00
CA ALA A 309 -1.22 -35.74 -0.60
C ALA A 309 -0.12 -34.68 -0.40
N PRO A 310 -0.01 -34.17 0.85
CA PRO A 310 0.96 -33.14 1.17
C PRO A 310 2.37 -33.71 0.96
N PRO A 311 3.23 -32.99 0.22
CA PRO A 311 4.60 -33.44 0.03
C PRO A 311 5.29 -33.75 1.36
N GLU A 312 6.38 -34.49 1.29
CA GLU A 312 7.10 -34.91 2.48
C GLU A 312 7.60 -33.67 3.23
N GLN A 313 8.09 -32.69 2.48
CA GLN A 313 8.80 -31.56 3.09
C GLN A 313 7.81 -30.44 3.47
N TYR A 314 6.51 -30.63 3.23
CA TYR A 314 5.45 -29.74 3.72
C TYR A 314 5.41 -29.77 5.24
N GLN A 315 5.15 -28.61 5.87
CA GLN A 315 5.17 -28.51 7.32
C GLN A 315 3.81 -28.08 7.84
N PRO A 316 3.01 -29.03 8.35
CA PRO A 316 1.71 -28.66 8.85
C PRO A 316 1.86 -27.85 10.15
N LEU A 317 0.94 -26.90 10.38
CA LEU A 317 0.95 -26.16 11.63
C LEU A 317 0.74 -27.15 12.77
N ALA A 318 1.54 -26.98 13.81
CA ALA A 318 1.41 -27.74 15.03
C ALA A 318 1.85 -26.85 16.19
N THR A 319 0.92 -26.03 16.66
CA THR A 319 1.22 -25.02 17.69
C THR A 319 0.21 -25.17 18.83
N SER A 320 0.28 -24.29 19.81
CA SER A 320 -0.62 -24.30 20.96
C SER A 320 -1.32 -22.94 21.09
N LYS A 321 -2.41 -22.90 21.83
CA LYS A 321 -3.16 -21.67 22.03
C LYS A 321 -2.26 -20.63 22.70
N ALA A 322 -1.47 -21.07 23.70
CA ALA A 322 -0.59 -20.16 24.42
C ALA A 322 0.39 -19.50 23.44
N MET A 323 0.90 -20.28 22.48
CA MET A 323 1.89 -19.76 21.55
C MET A 323 1.24 -18.82 20.53
N SER A 324 0.09 -19.19 19.99
CA SER A 324 -0.58 -18.34 19.01
C SER A 324 -0.99 -17.02 19.68
N ASP A 325 -1.52 -17.12 20.89
CA ASP A 325 -1.82 -15.95 21.72
C ASP A 325 -0.66 -15.00 21.89
N VAL A 326 0.49 -15.51 22.31
CA VAL A 326 1.62 -14.62 22.59
C VAL A 326 2.12 -14.01 21.28
N MET A 327 2.03 -14.75 20.18
CA MET A 327 2.52 -14.23 18.90
C MET A 327 1.54 -13.18 18.34
N THR A 328 0.26 -13.32 18.70
CA THR A 328 -0.77 -12.36 18.33
C THR A 328 -0.57 -11.06 19.12
N LYS A 329 -0.35 -11.17 20.43
CA LYS A 329 -0.24 -9.96 21.25
C LYS A 329 1.03 -9.20 20.85
N LEU A 330 2.10 -9.92 20.50
CA LEU A 330 3.31 -9.24 20.04
C LEU A 330 2.98 -8.33 18.85
N ALA A 331 2.05 -8.77 17.99
CA ALA A 331 1.70 -8.03 16.76
C ALA A 331 0.63 -6.96 17.03
N LEU A 332 -0.19 -7.14 18.08
CA LEU A 332 -1.38 -6.32 18.32
C LEU A 332 -1.20 -5.43 19.55
N ASP A 333 -0.14 -5.63 20.34
CA ASP A 333 0.03 -4.96 21.62
C ASP A 333 1.43 -4.37 21.71
N PRO A 334 1.60 -3.11 21.27
CA PRO A 334 2.93 -2.47 21.13
C PRO A 334 3.74 -2.47 22.44
N LYS A 335 2.97 -2.60 23.57
CA LYS A 335 3.54 -2.63 24.91
C LYS A 335 4.21 -3.99 25.15
N ALA A 336 3.46 -5.03 24.84
CA ALA A 336 3.95 -6.40 24.88
C ALA A 336 5.22 -6.50 24.01
N LEU A 337 5.18 -5.88 22.83
CA LEU A 337 6.31 -5.91 21.90
C LEU A 337 7.52 -5.22 22.51
N ALA A 338 7.29 -4.11 23.22
CA ALA A 338 8.37 -3.32 23.80
C ALA A 338 9.06 -4.11 24.92
N ASP A 339 8.27 -4.84 25.72
CA ASP A 339 8.83 -5.71 26.77
C ASP A 339 9.64 -6.85 26.18
N TYR A 340 9.08 -7.51 25.17
CA TYR A 340 9.76 -8.62 24.50
C TYR A 340 11.05 -8.12 23.85
N LYS A 341 10.99 -6.97 23.17
CA LYS A 341 12.17 -6.39 22.51
C LYS A 341 13.24 -6.01 23.55
N ALA A 342 12.82 -5.66 24.76
CA ALA A 342 13.77 -5.24 25.81
C ALA A 342 14.55 -6.45 26.33
N ASP A 343 13.87 -7.58 26.53
CA ASP A 343 14.56 -8.81 26.91
C ASP A 343 13.79 -10.07 26.52
N HIS A 344 14.22 -10.68 25.41
CA HIS A 344 13.63 -11.91 24.91
C HIS A 344 13.43 -12.93 26.04
N ARG A 345 14.48 -13.18 26.82
CA ARG A 345 14.48 -14.30 27.77
C ARG A 345 13.49 -14.03 28.90
N ALA A 346 13.62 -12.86 29.53
CA ALA A 346 12.75 -12.47 30.64
C ALA A 346 11.28 -12.49 30.19
N PHE A 347 11.01 -11.93 29.01
CA PHE A 347 9.66 -11.93 28.48
C PHE A 347 9.18 -13.38 28.28
N ALA A 348 10.02 -14.20 27.65
CA ALA A 348 9.65 -15.58 27.34
C ALA A 348 9.29 -16.35 28.61
N GLN A 349 10.06 -16.13 29.68
CA GLN A 349 9.92 -16.90 30.90
C GLN A 349 8.61 -16.53 31.61
N SER A 350 8.17 -15.29 31.43
CA SER A 350 7.04 -14.74 32.19
C SER A 350 5.70 -15.03 31.50
N VAL A 351 5.71 -15.48 30.25
CA VAL A 351 4.47 -15.85 29.57
C VAL A 351 4.09 -17.28 29.99
N PRO A 352 2.85 -17.47 30.48
CA PRO A 352 2.46 -18.75 31.04
C PRO A 352 2.14 -19.81 29.97
N ASP A 353 2.16 -21.07 30.39
CA ASP A 353 1.67 -22.22 29.58
C ASP A 353 2.43 -22.47 28.28
N LEU A 354 3.67 -22.01 28.19
CA LEU A 354 4.48 -22.27 27.01
C LEU A 354 5.26 -23.57 27.23
N THR A 355 5.34 -24.37 26.18
CA THR A 355 6.21 -25.52 26.19
C THR A 355 7.66 -25.02 26.19
N PRO A 356 8.60 -25.86 26.61
CA PRO A 356 10.02 -25.53 26.56
C PRO A 356 10.50 -25.13 25.15
N GLN A 357 9.90 -25.68 24.10
CA GLN A 357 10.32 -25.36 22.74
C GLN A 357 9.78 -23.99 22.33
N GLU A 358 8.50 -23.76 22.62
CA GLU A 358 7.88 -22.46 22.41
C GLU A 358 8.68 -21.39 23.15
N ARG A 359 8.87 -21.63 24.44
CA ARG A 359 9.55 -20.68 25.32
C ARG A 359 10.98 -20.45 24.82
N ALA A 360 11.61 -21.50 24.29
CA ALA A 360 12.98 -21.40 23.76
C ALA A 360 12.98 -20.57 22.46
N ALA A 361 11.98 -20.79 21.61
CA ALA A 361 11.90 -20.10 20.32
C ALA A 361 11.70 -18.59 20.53
N LEU A 362 10.85 -18.22 21.49
CA LEU A 362 10.68 -16.81 21.86
C LEU A 362 12.03 -16.23 22.35
N GLU A 363 12.78 -17.02 23.10
CA GLU A 363 14.05 -16.56 23.68
C GLU A 363 15.02 -16.16 22.56
N LEU A 364 15.02 -16.92 21.47
CA LEU A 364 15.91 -16.67 20.35
C LEU A 364 15.34 -15.56 19.46
N GLY A 365 14.03 -15.59 19.22
CA GLY A 365 13.35 -14.63 18.34
C GLY A 365 13.53 -14.99 16.87
N ASP A 366 14.48 -15.89 16.62
CA ASP A 366 14.80 -16.48 15.33
C ASP A 366 13.55 -16.86 14.55
N SER A 367 13.51 -16.57 13.24
CA SER A 367 12.41 -17.07 12.38
C SER A 367 12.44 -18.61 12.32
N TRP A 368 13.63 -19.20 12.21
CA TRP A 368 13.71 -20.68 12.11
C TRP A 368 13.18 -21.34 13.38
N ALA A 369 13.69 -20.90 14.53
CA ALA A 369 13.23 -21.41 15.83
C ALA A 369 11.70 -21.38 15.91
N ILE A 370 11.11 -20.23 15.58
CA ILE A 370 9.66 -20.02 15.76
C ILE A 370 8.90 -20.90 14.76
N ARG A 371 9.41 -21.04 13.54
CA ARG A 371 8.78 -21.98 12.59
C ARG A 371 8.87 -23.42 13.15
N CYS A 372 10.01 -23.83 13.72
CA CYS A 372 10.15 -25.20 14.24
C CYS A 372 9.22 -25.43 15.45
N ALA A 373 9.01 -24.37 16.23
CA ALA A 373 8.21 -24.47 17.43
C ALA A 373 6.71 -24.53 17.06
N MET A 374 6.35 -23.97 15.92
CA MET A 374 4.94 -23.78 15.58
C MET A 374 4.52 -24.75 14.47
N LYS A 375 5.49 -25.35 13.78
CA LYS A 375 5.15 -26.28 12.72
C LYS A 375 5.80 -27.65 13.00
N ASN A 376 5.14 -28.70 12.54
CA ASN A 376 5.66 -30.10 12.55
C ASN A 376 6.67 -30.22 11.41
N MET A 377 7.94 -29.92 11.71
CA MET A 377 8.98 -29.90 10.68
C MET A 377 9.40 -31.34 10.36
N PRO A 378 9.35 -31.71 9.07
CA PRO A 378 9.77 -33.07 8.67
C PRO A 378 11.28 -33.24 8.78
N SER A 379 11.71 -34.50 8.96
CA SER A 379 13.12 -34.86 9.10
C SER A 379 13.90 -34.39 7.86
N SER A 380 13.38 -34.71 6.68
CA SER A 380 13.99 -34.29 5.41
C SER A 380 14.48 -32.83 5.52
N LEU A 381 13.55 -31.98 5.94
CA LEU A 381 13.74 -30.54 5.90
C LEU A 381 14.77 -30.13 6.95
N LEU A 382 14.64 -30.67 8.16
CA LEU A 382 15.64 -30.41 9.21
C LEU A 382 17.01 -30.93 8.76
N ASP A 383 18.02 -30.05 8.84
CA ASP A 383 19.43 -30.41 8.52
C ASP A 383 20.39 -29.23 8.75
N PHE A 397 14.05 -19.51 6.73
CA PHE A 397 14.24 -19.81 5.30
C PHE A 397 12.87 -19.99 4.63
N PRO A 398 12.16 -18.88 4.33
CA PRO A 398 10.83 -18.87 3.71
C PRO A 398 10.88 -18.79 2.17
N TRP A 399 9.99 -19.51 1.52
CA TRP A 399 9.95 -19.54 0.06
C TRP A 399 8.51 -19.66 -0.44
N MVA A 400 7.83 -18.53 -0.67
CN MVA A 400 8.42 -17.20 -0.46
CA MVA A 400 6.44 -18.54 -1.12
CB MVA A 400 5.46 -18.22 0.02
CG1 MVA A 400 5.82 -18.94 1.32
CG2 MVA A 400 4.00 -18.50 -0.36
C MVA A 400 6.20 -17.60 -2.29
O MVA A 400 5.72 -16.50 -2.12
N ILE A 401 6.51 -18.09 -3.49
CA ILE A 401 6.41 -17.28 -4.69
C ILE A 401 5.10 -17.61 -5.41
N VAL A 402 4.26 -16.59 -5.64
CA VAL A 402 2.91 -16.87 -6.11
C VAL A 402 2.67 -16.28 -7.50
N VAL A 403 3.72 -15.77 -8.18
CA VAL A 403 3.58 -15.37 -9.59
C VAL A 403 4.62 -16.14 -10.40
N GLY A 404 4.25 -16.48 -11.62
CA GLY A 404 5.18 -16.99 -12.62
C GLY A 404 5.08 -16.19 -13.90
N VAL A 405 6.20 -15.98 -14.57
CA VAL A 405 6.24 -15.34 -15.89
C VAL A 405 6.38 -16.42 -16.96
N SAH B . -1.51 8.46 0.39
CA SAH B . -2.68 8.30 -0.53
CB SAH B . -2.51 9.14 -1.80
CG SAH B . -2.45 10.63 -1.47
SD SAH B . -2.09 11.57 -2.92
C SAH B . -2.82 6.85 -0.88
O SAH B . -3.66 6.47 -1.70
OXT SAH B . -2.10 5.98 -0.35
C5' SAH B . -3.69 12.05 -3.47
C4' SAH B . -3.91 11.40 -4.84
O4' SAH B . -4.06 10.00 -4.67
C3' SAH B . -5.17 11.87 -5.53
O3' SAH B . -4.99 13.06 -6.31
C2' SAH B . -5.50 10.69 -6.42
O2' SAH B . -4.80 10.80 -7.66
C1' SAH B . -5.04 9.51 -5.58
N9 SAH B . -6.24 9.02 -4.86
C8 SAH B . -6.58 9.32 -3.59
N7 SAH B . -7.76 8.71 -3.27
C5 SAH B . -8.16 8.01 -4.36
C6 SAH B . -9.30 7.13 -4.73
N6 SAH B . -10.27 6.87 -3.83
N1 SAH B . -9.33 6.60 -5.98
C2 SAH B . -8.36 6.84 -6.89
N3 SAH B . -7.30 7.61 -6.62
C4 SAH B . -7.15 8.22 -5.40
N SFG C . -1.39 8.48 0.19
CA SFG C . -2.45 8.32 -0.78
C SFG C . -2.48 6.86 -1.21
O SFG C . -2.99 6.58 -2.33
OXT SFG C . -2.03 5.96 -0.44
CB SFG C . -2.31 9.25 -1.98
CG SFG C . -2.38 10.75 -1.61
CD SFG C . -2.31 11.70 -2.83
NE SFG C . -1.72 12.97 -2.43
C5' SFG C . -3.68 12.01 -3.44
C4' SFG C . -3.87 11.25 -4.75
O4' SFG C . -4.09 9.87 -4.45
C3' SFG C . -5.08 11.65 -5.56
O3' SFG C . -4.85 12.74 -6.45
C2' SFG C . -5.35 10.41 -6.36
O2' SFG C . -4.46 10.40 -7.48
C1' SFG C . -5.02 9.32 -5.37
N9 SFG C . -6.27 8.96 -4.68
C8 SFG C . -6.67 9.37 -3.46
N7 SFG C . -7.89 8.83 -3.17
C5 SFG C . -8.26 8.07 -4.24
C6 SFG C . -9.40 7.23 -4.61
N6 SFG C . -10.44 7.10 -3.76
N1 SFG C . -9.39 6.60 -5.82
C2 SFG C . -8.37 6.73 -6.70
N3 SFG C . -7.28 7.46 -6.40
C4 SFG C . -7.18 8.15 -5.23
#